data_4XZ6
#
_entry.id   4XZ6
#
_cell.length_a   29.624
_cell.length_b   134.979
_cell.length_c   58.366
_cell.angle_alpha   90.00
_cell.angle_beta   90.15
_cell.angle_gamma   90.00
#
_symmetry.space_group_name_H-M   'P 1 21 1'
#
loop_
_entity.id
_entity.type
_entity.pdbx_description
1 polymer 'Glycine betaine/proline ABC transporter, periplasmic substrate-binding protein'
2 non-polymer 'trimethylamine oxide'
3 non-polymer 'CALCIUM ION'
4 non-polymer GLYCEROL
5 non-polymer 2-AMINO-2-HYDROXYMETHYL-PROPANE-1,3-DIOL
6 water water
#
_entity_poly.entity_id   1
_entity_poly.type   'polypeptide(L)'
_entity_poly.pdbx_seq_one_letter_code
;MRLFREIAANDPGPTGRMKNMKTFTTALATGVLALCPLAALADSSDPIVIPIHNWSSQIVMSNVVGQIFEEMGVAVEFVT
TDSQAVYESVRLGDVTLELEVWEGAFGASFRAALEKGGIVDVGDHDAVTREDWWYPMWTKDACPGLPDWKALNDCAAVFA
TAETGDKGRYLDGPVDWLKHGKERVEALGMNFEVINAGSAAALWAEIGAAEADKRPVVVFNWTPNFAEAVWPGEFVEFPE
WVDGCDKDPAVGPNPDALYDCGNPATGYLKKAAWEGMEAKWPDAYAVLTRISFTNPQIAEMAKLVDVDEMEPDEAAEAWL
EANEDVWRPWLDGHHHHHH
;
_entity_poly.pdbx_strand_id   A,B
#
loop_
_chem_comp.id
_chem_comp.type
_chem_comp.name
_chem_comp.formula
CA non-polymer 'CALCIUM ION' 'Ca 2'
GOL non-polymer GLYCEROL 'C3 H8 O3'
TMO non-polymer 'trimethylamine oxide' 'C3 H9 N O'
TRS non-polymer 2-AMINO-2-HYDROXYMETHYL-PROPANE-1,3-DIOL 'C4 H12 N O3 1'
#
# COMPACT_ATOMS: atom_id res chain seq x y z
N ASP A 43 28.21 8.32 -33.99
CA ASP A 43 27.38 7.48 -33.12
C ASP A 43 27.62 5.99 -33.35
N SER A 44 27.62 5.23 -32.26
CA SER A 44 27.79 3.78 -32.30
C SER A 44 26.94 3.03 -33.34
N SER A 45 27.40 1.84 -33.70
CA SER A 45 26.70 1.01 -34.65
C SER A 45 25.58 0.20 -33.99
N ASP A 46 25.74 -0.06 -32.70
CA ASP A 46 24.72 -0.70 -31.88
C ASP A 46 23.40 0.04 -32.02
N PRO A 47 22.30 -0.71 -32.12
CA PRO A 47 20.97 -0.10 -32.30
C PRO A 47 20.51 0.51 -30.99
N ILE A 48 19.70 1.56 -31.08
CA ILE A 48 19.07 2.14 -29.92
C ILE A 48 17.79 1.36 -29.60
N VAL A 49 17.64 1.01 -28.33
CA VAL A 49 16.50 0.18 -27.91
C VAL A 49 15.41 1.00 -27.22
N ILE A 50 14.25 1.07 -27.86
CA ILE A 50 13.15 1.88 -27.38
C ILE A 50 12.01 1.02 -26.84
N PRO A 51 11.68 1.18 -25.55
CA PRO A 51 10.61 0.39 -24.95
C PRO A 51 9.23 0.97 -25.28
N ILE A 52 8.29 0.06 -25.50
CA ILE A 52 6.92 0.38 -25.88
C ILE A 52 6.03 -0.24 -24.82
N HIS A 53 5.03 0.51 -24.37
CA HIS A 53 4.14 -0.01 -23.30
C HIS A 53 2.70 -0.12 -23.85
N ASN A 54 1.72 -0.01 -22.96
CA ASN A 54 0.35 -0.32 -23.29
C ASN A 54 -0.73 0.77 -23.23
N TRP A 55 -0.37 1.97 -23.68
CA TRP A 55 -1.35 3.03 -23.91
C TRP A 55 -0.85 3.83 -25.11
N SER A 56 -1.77 4.57 -25.73
CA SER A 56 -1.62 5.01 -27.10
C SER A 56 -0.52 6.05 -27.35
N SER A 57 -0.47 7.13 -26.59
CA SER A 57 0.52 8.17 -26.89
C SER A 57 1.95 7.61 -26.79
N GLN A 58 2.20 6.82 -25.76
CA GLN A 58 3.54 6.28 -25.56
C GLN A 58 4.02 5.49 -26.78
N ILE A 59 3.18 4.62 -27.31
CA ILE A 59 3.58 3.79 -28.43
C ILE A 59 3.71 4.62 -29.73
N VAL A 60 2.81 5.56 -29.93
CA VAL A 60 2.95 6.45 -31.08
C VAL A 60 4.22 7.31 -30.90
N MET A 61 4.35 7.95 -29.75
CA MET A 61 5.49 8.85 -29.52
C MET A 61 6.78 8.11 -29.79
N SER A 62 6.86 6.88 -29.26
CA SER A 62 8.04 6.05 -29.40
C SER A 62 8.42 5.83 -30.86
N ASN A 63 7.44 5.47 -31.68
CA ASN A 63 7.67 5.33 -33.12
C ASN A 63 8.02 6.66 -33.80
N VAL A 64 7.39 7.75 -33.35
CA VAL A 64 7.71 9.04 -33.93
C VAL A 64 9.19 9.31 -33.75
N VAL A 65 9.68 9.09 -32.53
CA VAL A 65 11.06 9.36 -32.16
C VAL A 65 12.04 8.41 -32.86
N GLY A 66 11.67 7.15 -32.95
CA GLY A 66 12.49 6.16 -33.64
C GLY A 66 12.81 6.60 -35.04
N GLN A 67 11.77 6.99 -35.79
CA GLN A 67 11.96 7.46 -37.16
C GLN A 67 12.85 8.71 -37.22
N ILE A 68 12.78 9.54 -36.20
CA ILE A 68 13.63 10.71 -36.09
C ILE A 68 15.10 10.30 -35.94
N PHE A 69 15.36 9.35 -35.04
CA PHE A 69 16.69 8.81 -34.87
C PHE A 69 17.20 8.17 -36.16
N GLU A 70 16.33 7.46 -36.85
CA GLU A 70 16.71 6.82 -38.09
C GLU A 70 17.03 7.86 -39.14
N GLU A 71 16.26 8.94 -39.12
CA GLU A 71 16.48 10.07 -40.00
C GLU A 71 17.92 10.56 -39.96
N MET A 72 18.51 10.61 -38.77
CA MET A 72 19.89 11.04 -38.64
C MET A 72 20.85 9.86 -38.60
N GLY A 73 20.38 8.70 -39.01
CA GLY A 73 21.24 7.56 -39.26
C GLY A 73 21.50 6.58 -38.13
N VAL A 74 20.77 6.72 -37.03
CA VAL A 74 20.91 5.77 -35.94
C VAL A 74 19.85 4.69 -36.02
N ALA A 75 20.29 3.44 -35.94
CA ALA A 75 19.37 2.30 -36.00
C ALA A 75 18.60 2.21 -34.70
N VAL A 76 17.31 1.89 -34.79
CA VAL A 76 16.50 1.69 -33.59
C VAL A 76 15.69 0.39 -33.64
N GLU A 77 15.46 -0.17 -32.46
CA GLU A 77 14.68 -1.40 -32.31
C GLU A 77 13.66 -1.17 -31.21
N PHE A 78 12.48 -1.75 -31.37
CA PHE A 78 11.44 -1.59 -30.36
C PHE A 78 11.27 -2.85 -29.51
N VAL A 79 10.94 -2.67 -28.23
CA VAL A 79 10.50 -3.78 -27.39
C VAL A 79 9.38 -3.34 -26.45
N THR A 80 8.39 -4.21 -26.31
CA THR A 80 7.29 -4.00 -25.39
C THR A 80 7.69 -4.45 -24.00
N THR A 81 7.58 -3.56 -23.03
CA THR A 81 7.86 -3.93 -21.65
C THR A 81 6.78 -3.48 -20.69
N ASP A 82 6.76 -4.11 -19.52
CA ASP A 82 5.97 -3.69 -18.36
C ASP A 82 6.38 -2.24 -18.02
N SER A 83 5.42 -1.41 -17.66
CA SER A 83 5.60 0.05 -17.63
C SER A 83 6.35 0.55 -16.39
N GLN A 84 6.41 -0.29 -15.38
CA GLN A 84 7.07 0.07 -14.14
C GLN A 84 8.48 -0.51 -14.12
N ALA A 85 8.62 -1.72 -14.67
CA ALA A 85 9.91 -2.43 -14.64
C ALA A 85 10.96 -1.84 -15.59
N VAL A 86 10.52 -1.00 -16.53
CA VAL A 86 11.42 -0.49 -17.56
C VAL A 86 12.53 0.40 -17.00
N TYR A 87 12.33 0.93 -15.80
CA TYR A 87 13.30 1.85 -15.23
C TYR A 87 14.55 1.15 -14.74
N GLU A 88 14.40 -0.08 -14.25
CA GLU A 88 15.53 -0.91 -13.88
C GLU A 88 16.26 -1.32 -15.15
N SER A 89 15.49 -1.63 -16.19
CA SER A 89 16.07 -2.04 -17.48
C SER A 89 16.88 -0.91 -18.13
N VAL A 90 16.40 0.32 -18.02
CA VAL A 90 17.13 1.46 -18.56
C VAL A 90 18.39 1.70 -17.74
N ARG A 91 18.25 1.57 -16.43
CA ARG A 91 19.38 1.72 -15.51
C ARG A 91 20.52 0.79 -15.88
N LEU A 92 20.18 -0.43 -16.31
CA LEU A 92 21.15 -1.44 -16.72
C LEU A 92 21.56 -1.31 -18.19
N GLY A 93 20.85 -0.49 -18.95
CA GLY A 93 21.07 -0.41 -20.37
C GLY A 93 20.49 -1.58 -21.16
N ASP A 94 19.67 -2.42 -20.54
CA ASP A 94 18.95 -3.43 -21.32
C ASP A 94 18.04 -2.73 -22.33
N VAL A 95 17.63 -1.52 -21.94
CA VAL A 95 16.84 -0.62 -22.77
C VAL A 95 17.54 0.74 -22.66
N THR A 96 17.54 1.52 -23.73
CA THR A 96 18.42 2.68 -23.82
C THR A 96 17.79 3.91 -23.16
N LEU A 97 16.48 4.01 -23.29
CA LEU A 97 15.78 5.21 -22.85
C LEU A 97 14.29 4.95 -22.61
N GLU A 98 13.64 5.93 -21.97
CA GLU A 98 12.18 5.96 -21.84
C GLU A 98 11.69 7.39 -22.13
N LEU A 99 10.69 7.48 -23.00
CA LEU A 99 10.24 8.76 -23.56
C LEU A 99 9.08 9.39 -22.79
N GLU A 100 8.32 8.58 -22.08
CA GLU A 100 7.20 9.09 -21.29
C GLU A 100 7.32 8.73 -19.81
N VAL A 101 8.16 9.47 -19.08
CA VAL A 101 8.21 9.25 -17.64
C VAL A 101 7.18 10.10 -16.90
N TRP A 102 5.93 9.60 -16.86
CA TRP A 102 4.87 10.28 -16.15
C TRP A 102 5.24 10.39 -14.69
N GLU A 103 5.13 11.60 -14.14
CA GLU A 103 5.48 11.79 -12.74
C GLU A 103 4.58 10.96 -11.83
N GLY A 104 3.26 10.99 -12.08
CA GLY A 104 2.32 10.32 -11.20
C GLY A 104 2.50 8.81 -11.16
N ALA A 105 2.31 8.16 -12.30
CA ALA A 105 2.41 6.72 -12.39
C ALA A 105 3.85 6.16 -12.20
N PHE A 106 4.85 6.81 -12.79
CA PHE A 106 6.18 6.20 -12.82
C PHE A 106 7.29 6.93 -12.03
N GLY A 107 6.94 8.02 -11.36
CA GLY A 107 7.91 8.87 -10.70
C GLY A 107 8.71 8.15 -9.62
N ALA A 108 8.04 7.24 -8.92
CA ALA A 108 8.67 6.49 -7.85
C ALA A 108 9.68 5.49 -8.40
N SER A 109 9.27 4.74 -9.43
CA SER A 109 10.16 3.78 -10.05
C SER A 109 11.37 4.47 -10.67
N PHE A 110 11.13 5.60 -11.32
CA PHE A 110 12.23 6.43 -11.81
C PHE A 110 13.18 6.81 -10.67
N ARG A 111 12.65 7.46 -9.65
CA ARG A 111 13.43 7.91 -8.49
C ARG A 111 14.27 6.80 -7.91
N ALA A 112 13.72 5.60 -7.95
CA ALA A 112 14.32 4.44 -7.33
C ALA A 112 15.50 3.99 -8.15
N ALA A 113 15.30 3.89 -9.47
CA ALA A 113 16.39 3.62 -10.36
C ALA A 113 17.49 4.66 -10.19
N LEU A 114 17.11 5.94 -10.23
CA LEU A 114 18.08 7.02 -10.13
C LEU A 114 18.94 6.85 -8.88
N GLU A 115 18.27 6.54 -7.78
CA GLU A 115 18.93 6.32 -6.49
C GLU A 115 19.91 5.16 -6.56
N LYS A 116 19.51 4.06 -7.19
CA LYS A 116 20.43 2.93 -7.38
C LYS A 116 21.64 3.33 -8.22
N GLY A 117 21.39 4.04 -9.32
CA GLY A 117 22.44 4.53 -10.19
C GLY A 117 22.45 3.80 -11.51
N GLY A 118 22.59 4.54 -12.61
CA GLY A 118 22.74 3.96 -13.93
C GLY A 118 21.78 4.54 -14.97
N ILE A 119 20.82 5.32 -14.48
CA ILE A 119 19.83 5.95 -15.32
C ILE A 119 20.01 7.45 -15.20
N VAL A 120 19.63 8.18 -16.24
CA VAL A 120 19.85 9.62 -16.25
C VAL A 120 18.57 10.36 -16.62
N ASP A 121 18.33 11.44 -15.88
CA ASP A 121 17.26 12.39 -16.16
C ASP A 121 17.73 13.24 -17.32
N VAL A 122 17.21 12.96 -18.52
CA VAL A 122 17.65 13.67 -19.71
C VAL A 122 17.00 15.04 -19.84
N GLY A 123 15.84 15.20 -19.20
CA GLY A 123 15.12 16.46 -19.25
C GLY A 123 13.63 16.20 -19.38
N ASP A 124 12.84 17.27 -19.36
CA ASP A 124 11.39 17.16 -19.41
C ASP A 124 10.82 17.56 -20.77
N HIS A 125 9.74 16.91 -21.17
CA HIS A 125 8.94 17.44 -22.27
C HIS A 125 8.24 18.69 -21.77
N ASP A 126 7.87 19.56 -22.69
CA ASP A 126 7.08 20.72 -22.33
C ASP A 126 5.60 20.32 -22.26
N ALA A 127 5.29 19.47 -21.27
CA ALA A 127 3.95 18.98 -21.06
C ALA A 127 3.75 18.94 -19.56
N VAL A 128 2.52 19.14 -19.09
CA VAL A 128 2.23 18.81 -17.71
C VAL A 128 1.11 17.77 -17.64
N THR A 129 1.24 16.88 -16.67
CA THR A 129 0.47 15.65 -16.66
C THR A 129 -0.38 15.54 -15.40
N ARG A 130 -1.49 14.81 -15.49
CA ARG A 130 -2.24 14.45 -14.30
C ARG A 130 -2.78 13.05 -14.50
N GLU A 131 -2.54 12.18 -13.55
CA GLU A 131 -3.01 10.81 -13.68
C GLU A 131 -3.75 10.49 -12.40
N ASP A 132 -5.05 10.30 -12.50
CA ASP A 132 -5.79 10.05 -11.27
C ASP A 132 -7.19 9.56 -11.55
N TRP A 133 -7.87 9.18 -10.46
CA TRP A 133 -9.27 8.83 -10.51
C TRP A 133 -10.01 9.96 -11.17
N TRP A 134 -10.95 9.62 -12.02
CA TRP A 134 -11.55 10.61 -12.88
C TRP A 134 -13.01 10.25 -13.06
N TYR A 135 -13.87 11.25 -13.23
CA TYR A 135 -15.27 10.97 -13.55
C TYR A 135 -15.78 11.84 -14.70
N PRO A 136 -16.65 11.28 -15.54
CA PRO A 136 -17.35 12.06 -16.56
C PRO A 136 -18.35 13.01 -15.89
N MET A 137 -18.50 14.20 -16.46
CA MET A 137 -19.19 15.31 -15.81
C MET A 137 -20.60 14.98 -15.27
N TRP A 138 -21.34 14.10 -15.95
CA TRP A 138 -22.69 13.74 -15.52
C TRP A 138 -22.75 13.13 -14.12
N THR A 139 -21.60 12.66 -13.65
CA THR A 139 -21.48 12.11 -12.31
C THR A 139 -21.89 13.13 -11.25
N LYS A 140 -21.53 14.39 -11.47
CA LYS A 140 -21.93 15.47 -10.57
C LYS A 140 -23.43 15.42 -10.27
N ASP A 141 -24.21 14.99 -11.24
CA ASP A 141 -25.66 14.93 -11.05
C ASP A 141 -26.01 14.05 -9.86
N ALA A 142 -25.25 12.97 -9.70
CA ALA A 142 -25.47 11.95 -8.68
C ALA A 142 -24.76 12.29 -7.37
N CYS A 143 -23.77 13.18 -7.43
CA CYS A 143 -22.92 13.46 -6.28
C CYS A 143 -22.31 14.85 -6.42
N PRO A 144 -23.12 15.90 -6.18
CA PRO A 144 -22.73 17.29 -6.44
C PRO A 144 -21.71 17.87 -5.47
N GLY A 145 -21.27 17.07 -4.51
CA GLY A 145 -20.17 17.47 -3.65
C GLY A 145 -18.82 17.35 -4.36
N LEU A 146 -18.81 16.73 -5.53
CA LEU A 146 -17.57 16.50 -6.29
C LEU A 146 -16.97 17.83 -6.74
N PRO A 147 -15.65 17.84 -7.04
CA PRO A 147 -14.77 16.66 -7.15
C PRO A 147 -14.13 16.19 -5.84
N ASP A 148 -14.46 16.81 -4.71
CA ASP A 148 -13.87 16.41 -3.43
C ASP A 148 -13.95 14.90 -3.23
N TRP A 149 -12.80 14.30 -2.91
CA TRP A 149 -12.71 12.86 -2.71
C TRP A 149 -13.60 12.39 -1.57
N LYS A 150 -13.85 13.27 -0.60
CA LYS A 150 -14.76 12.93 0.51
C LYS A 150 -16.24 12.83 0.05
N ALA A 151 -16.62 13.66 -0.91
CA ALA A 151 -17.91 13.56 -1.57
C ALA A 151 -18.00 12.21 -2.28
N LEU A 152 -16.98 11.89 -3.05
CA LEU A 152 -16.89 10.64 -3.78
C LEU A 152 -17.21 9.48 -2.86
N ASN A 153 -16.58 9.51 -1.69
CA ASN A 153 -16.73 8.44 -0.70
C ASN A 153 -18.11 8.50 -0.04
N ASP A 154 -18.58 9.72 0.24
CA ASP A 154 -19.94 9.92 0.74
C ASP A 154 -20.99 9.29 -0.20
N CYS A 155 -20.74 9.39 -1.50
CA CYS A 155 -21.67 8.86 -2.52
C CYS A 155 -21.29 7.46 -2.94
N ALA A 156 -20.41 6.82 -2.18
CA ALA A 156 -19.85 5.54 -2.60
C ALA A 156 -20.90 4.57 -3.17
N ALA A 157 -21.98 4.35 -2.43
CA ALA A 157 -22.95 3.31 -2.82
C ALA A 157 -23.50 3.51 -4.23
N VAL A 158 -23.39 4.74 -4.71
CA VAL A 158 -23.84 5.12 -6.05
C VAL A 158 -22.93 4.52 -7.14
N PHE A 159 -21.68 4.25 -6.78
CA PHE A 159 -20.67 3.70 -7.68
C PHE A 159 -20.51 2.18 -7.57
N ALA A 160 -21.39 1.54 -6.80
CA ALA A 160 -21.30 0.10 -6.59
C ALA A 160 -21.76 -0.68 -7.83
N THR A 161 -21.12 -1.83 -8.06
CA THR A 161 -21.51 -2.74 -9.13
C THR A 161 -21.76 -4.10 -8.49
N ALA A 162 -22.33 -5.02 -9.26
CA ALA A 162 -22.70 -6.33 -8.71
C ALA A 162 -21.53 -6.91 -7.96
N GLU A 163 -20.33 -6.68 -8.49
CA GLU A 163 -19.11 -7.29 -7.97
C GLU A 163 -18.55 -6.66 -6.68
N THR A 164 -18.85 -5.39 -6.44
CA THR A 164 -18.39 -4.72 -5.23
C THR A 164 -19.51 -4.62 -4.18
N GLY A 165 -20.71 -5.04 -4.58
CA GLY A 165 -21.83 -5.11 -3.66
C GLY A 165 -22.16 -3.75 -3.08
N ASP A 166 -21.76 -3.53 -1.82
CA ASP A 166 -22.08 -2.28 -1.15
CA ASP A 166 -22.06 -2.31 -1.10
C ASP A 166 -20.95 -1.26 -1.21
N LYS A 167 -19.82 -1.65 -1.77
CA LYS A 167 -18.71 -0.71 -1.91
C LYS A 167 -18.74 -0.03 -3.28
N GLY A 168 -18.28 1.22 -3.33
CA GLY A 168 -18.04 1.87 -4.61
C GLY A 168 -17.02 1.08 -5.44
N ARG A 169 -17.26 1.02 -6.76
CA ARG A 169 -16.33 0.40 -7.70
C ARG A 169 -15.41 1.46 -8.32
N TYR A 170 -14.11 1.37 -8.07
CA TYR A 170 -13.17 2.17 -8.85
C TYR A 170 -12.52 1.26 -9.89
N LEU A 171 -12.59 1.67 -11.16
CA LEU A 171 -11.94 0.92 -12.22
C LEU A 171 -10.59 1.52 -12.57
N ASP A 172 -9.53 0.92 -12.05
CA ASP A 172 -8.16 1.33 -12.35
C ASP A 172 -7.74 0.79 -13.72
N GLY A 173 -6.65 1.34 -14.27
CA GLY A 173 -6.11 0.79 -15.51
C GLY A 173 -5.28 -0.46 -15.21
N PRO A 174 -4.61 -0.99 -16.23
CA PRO A 174 -3.71 -2.14 -16.04
C PRO A 174 -2.81 -1.96 -14.82
N VAL A 175 -2.40 -3.07 -14.23
CA VAL A 175 -1.71 -3.06 -12.95
C VAL A 175 -0.28 -2.51 -13.02
N ASP A 176 0.25 -2.30 -14.22
CA ASP A 176 1.59 -1.72 -14.35
C ASP A 176 1.57 -0.19 -14.43
N TRP A 177 0.43 0.40 -14.10
CA TRP A 177 0.33 1.86 -14.07
C TRP A 177 0.30 2.61 -12.73
N LEU A 178 -0.88 2.78 -12.16
CA LEU A 178 -0.98 3.29 -10.80
C LEU A 178 -0.80 2.01 -10.00
N LYS A 179 0.19 1.98 -9.12
CA LYS A 179 0.46 0.74 -8.41
C LYS A 179 -0.45 0.56 -7.19
N HIS A 180 -0.84 1.68 -6.59
CA HIS A 180 -1.30 1.65 -5.21
C HIS A 180 -2.75 2.05 -4.95
N GLY A 181 -3.62 1.72 -5.91
CA GLY A 181 -5.04 1.97 -5.74
C GLY A 181 -5.53 1.41 -4.41
N LYS A 182 -5.36 0.10 -4.24
CA LYS A 182 -5.84 -0.57 -3.06
C LYS A 182 -5.22 0.03 -1.81
N GLU A 183 -3.94 0.38 -1.91
CA GLU A 183 -3.29 1.03 -0.80
C GLU A 183 -3.93 2.38 -0.49
N ARG A 184 -4.22 3.15 -1.53
CA ARG A 184 -4.84 4.45 -1.30
C ARG A 184 -6.20 4.30 -0.62
N VAL A 185 -6.98 3.30 -1.03
CA VAL A 185 -8.31 3.06 -0.47
C VAL A 185 -8.20 2.76 1.02
N GLU A 186 -7.26 1.88 1.37
CA GLU A 186 -7.05 1.52 2.76
C GLU A 186 -6.53 2.71 3.58
N ALA A 187 -5.62 3.49 3.02
CA ALA A 187 -5.03 4.60 3.77
C ALA A 187 -6.07 5.68 4.08
N LEU A 188 -6.92 5.98 3.11
CA LEU A 188 -7.94 7.00 3.30
C LEU A 188 -9.21 6.41 3.91
N GLY A 189 -9.23 5.08 4.04
CA GLY A 189 -10.37 4.40 4.64
C GLY A 189 -11.66 4.61 3.87
N MET A 190 -11.59 4.34 2.58
CA MET A 190 -12.70 4.61 1.68
C MET A 190 -13.54 3.38 1.51
N ASN A 191 -14.85 3.59 1.37
CA ASN A 191 -15.78 2.52 1.08
C ASN A 191 -15.78 2.21 -0.40
N PHE A 192 -14.60 1.89 -0.92
CA PHE A 192 -14.47 1.57 -2.35
C PHE A 192 -13.67 0.30 -2.47
N GLU A 193 -13.85 -0.39 -3.59
CA GLU A 193 -13.01 -1.52 -3.96
C GLU A 193 -12.44 -1.29 -5.36
N VAL A 194 -11.24 -1.81 -5.61
CA VAL A 194 -10.54 -1.51 -6.86
C VAL A 194 -10.39 -2.70 -7.79
N ILE A 195 -10.77 -2.48 -9.05
CA ILE A 195 -10.66 -3.49 -10.09
C ILE A 195 -9.77 -2.95 -11.19
N ASN A 196 -8.83 -3.77 -11.64
CA ASN A 196 -7.90 -3.36 -12.67
C ASN A 196 -8.45 -3.70 -14.04
N ALA A 197 -8.63 -2.70 -14.87
CA ALA A 197 -9.07 -2.93 -16.25
C ALA A 197 -8.00 -3.76 -16.94
N GLY A 198 -8.38 -4.49 -17.98
CA GLY A 198 -7.43 -5.33 -18.66
C GLY A 198 -6.68 -4.57 -19.72
N SER A 199 -7.14 -3.36 -20.02
CA SER A 199 -6.47 -2.53 -21.04
C SER A 199 -6.92 -1.08 -20.93
N ALA A 200 -6.32 -0.21 -21.72
CA ALA A 200 -6.71 1.19 -21.71
C ALA A 200 -8.11 1.31 -22.31
N ALA A 201 -8.37 0.49 -23.33
CA ALA A 201 -9.63 0.52 -24.07
C ALA A 201 -10.84 0.25 -23.17
N ALA A 202 -10.65 -0.56 -22.14
CA ALA A 202 -11.74 -0.88 -21.24
C ALA A 202 -12.12 0.35 -20.44
N LEU A 203 -11.17 1.26 -20.24
CA LEU A 203 -11.49 2.49 -19.52
C LEU A 203 -12.44 3.29 -20.40
N TRP A 204 -12.14 3.33 -21.70
CA TRP A 204 -12.93 4.13 -22.61
C TRP A 204 -14.29 3.47 -22.82
N ALA A 205 -14.32 2.14 -22.85
CA ALA A 205 -15.57 1.41 -22.97
C ALA A 205 -16.51 1.77 -21.83
N GLU A 206 -16.02 1.64 -20.60
CA GLU A 206 -16.82 1.93 -19.41
C GLU A 206 -17.36 3.34 -19.42
N ILE A 207 -16.48 4.34 -19.54
CA ILE A 207 -16.93 5.73 -19.60
C ILE A 207 -17.99 5.93 -20.67
N GLY A 208 -17.75 5.40 -21.86
CA GLY A 208 -18.68 5.58 -22.97
C GLY A 208 -20.04 4.97 -22.68
N ALA A 209 -20.01 3.79 -22.06
CA ALA A 209 -21.20 2.98 -21.81
C ALA A 209 -22.07 3.56 -20.67
N ALA A 210 -21.51 4.51 -19.92
CA ALA A 210 -22.24 5.11 -18.82
C ALA A 210 -22.95 6.36 -19.30
N GLU A 211 -22.59 6.84 -20.49
CA GLU A 211 -23.12 8.11 -20.97
C GLU A 211 -24.65 8.08 -21.15
N ALA A 212 -25.17 7.02 -21.75
CA ALA A 212 -26.58 6.98 -22.13
C ALA A 212 -27.51 7.20 -20.95
N ASP A 213 -27.35 6.41 -19.89
CA ASP A 213 -28.17 6.63 -18.69
C ASP A 213 -27.52 7.54 -17.66
N LYS A 214 -26.40 8.16 -18.02
CA LYS A 214 -25.72 9.10 -17.13
C LYS A 214 -25.42 8.43 -15.79
N ARG A 215 -25.06 7.16 -15.87
CA ARG A 215 -24.68 6.37 -14.71
C ARG A 215 -23.37 6.92 -14.11
N PRO A 216 -23.34 7.11 -12.79
CA PRO A 216 -22.12 7.60 -12.15
C PRO A 216 -21.02 6.54 -12.24
N VAL A 217 -19.84 6.98 -12.65
CA VAL A 217 -18.67 6.11 -12.71
C VAL A 217 -17.41 6.90 -12.34
N VAL A 218 -16.45 6.18 -11.78
CA VAL A 218 -15.17 6.73 -11.48
C VAL A 218 -14.14 5.71 -11.98
N VAL A 219 -13.23 6.19 -12.83
CA VAL A 219 -12.25 5.34 -13.49
C VAL A 219 -10.96 6.10 -13.65
N PHE A 220 -9.87 5.37 -13.83
CA PHE A 220 -8.57 5.98 -14.04
C PHE A 220 -8.53 6.73 -15.37
N ASN A 221 -7.95 7.92 -15.37
CA ASN A 221 -7.78 8.68 -16.61
C ASN A 221 -6.61 9.65 -16.47
N TRP A 222 -6.22 10.27 -17.58
CA TRP A 222 -5.07 11.16 -17.52
C TRP A 222 -5.13 12.25 -18.59
N THR A 223 -4.37 13.30 -18.34
CA THR A 223 -4.18 14.33 -19.34
C THR A 223 -2.68 14.60 -19.33
N PRO A 224 -2.08 14.82 -20.52
CA PRO A 224 -2.83 14.95 -21.77
C PRO A 224 -3.21 13.60 -22.38
N ASN A 225 -4.33 13.59 -23.09
CA ASN A 225 -4.92 12.36 -23.61
C ASN A 225 -6.16 12.77 -24.39
N PHE A 226 -6.71 11.87 -25.19
CA PHE A 226 -7.86 12.21 -26.05
C PHE A 226 -9.23 12.24 -25.33
N ALA A 227 -9.35 11.50 -24.23
CA ALA A 227 -10.67 11.12 -23.67
C ALA A 227 -11.55 12.26 -23.19
N GLU A 228 -10.98 13.13 -22.35
CA GLU A 228 -11.67 14.27 -21.77
C GLU A 228 -12.34 15.14 -22.84
N ALA A 229 -11.72 15.16 -24.02
CA ALA A 229 -12.24 15.92 -25.14
C ALA A 229 -13.47 15.24 -25.69
N VAL A 230 -13.52 13.92 -25.52
CA VAL A 230 -14.70 13.17 -25.91
C VAL A 230 -15.77 13.22 -24.81
N TRP A 231 -15.38 12.95 -23.58
CA TRP A 231 -16.30 12.96 -22.44
C TRP A 231 -15.82 13.92 -21.36
N PRO A 232 -16.29 15.17 -21.42
CA PRO A 232 -15.83 16.16 -20.45
C PRO A 232 -16.03 15.65 -19.02
N GLY A 233 -15.11 15.98 -18.11
CA GLY A 233 -15.18 15.46 -16.76
C GLY A 233 -14.12 16.11 -15.90
N GLU A 234 -13.87 15.52 -14.74
CA GLU A 234 -12.90 16.07 -13.83
C GLU A 234 -12.20 14.93 -13.14
N PHE A 235 -10.99 15.21 -12.69
CA PHE A 235 -10.32 14.31 -11.78
C PHE A 235 -10.94 14.47 -10.40
N VAL A 236 -10.99 13.39 -9.66
CA VAL A 236 -11.35 13.47 -8.27
C VAL A 236 -10.28 14.30 -7.58
N GLU A 237 -10.70 15.24 -6.74
CA GLU A 237 -9.74 15.98 -5.95
C GLU A 237 -9.40 15.20 -4.69
N PHE A 238 -8.36 14.39 -4.80
CA PHE A 238 -7.78 13.70 -3.66
C PHE A 238 -6.84 14.64 -2.92
N PRO A 239 -6.23 14.18 -1.81
CA PRO A 239 -5.33 15.07 -1.09
C PRO A 239 -4.20 15.55 -1.98
N GLU A 240 -3.83 16.82 -1.81
CA GLU A 240 -2.82 17.44 -2.65
C GLU A 240 -1.54 16.62 -2.60
N TRP A 241 -0.92 16.39 -3.75
CA TRP A 241 0.36 15.73 -3.71
C TRP A 241 1.37 16.67 -3.09
N VAL A 242 2.18 16.16 -2.18
CA VAL A 242 3.31 16.93 -1.70
C VAL A 242 4.53 16.05 -1.62
N ASP A 243 5.70 16.71 -1.61
CA ASP A 243 6.99 16.03 -1.59
C ASP A 243 6.98 14.83 -0.67
N GLY A 244 7.31 13.67 -1.23
CA GLY A 244 7.44 12.44 -0.47
C GLY A 244 6.20 12.00 0.27
N CYS A 245 5.09 11.87 -0.45
CA CYS A 245 3.90 11.24 0.13
C CYS A 245 3.98 9.73 -0.06
N ASP A 246 4.89 9.31 -0.94
CA ASP A 246 5.14 7.89 -1.22
C ASP A 246 6.33 7.37 -0.42
N LYS A 247 6.72 8.12 0.62
CA LYS A 247 7.79 7.71 1.50
C LYS A 247 7.55 8.12 2.97
N ASP A 248 6.84 9.22 3.21
CA ASP A 248 6.72 9.73 4.58
C ASP A 248 5.31 9.86 5.15
N PRO A 249 4.88 8.84 5.92
CA PRO A 249 3.54 8.77 6.54
C PRO A 249 3.04 10.06 7.18
N ALA A 250 3.91 10.87 7.77
CA ALA A 250 3.47 12.05 8.53
C ALA A 250 2.72 13.06 7.67
N VAL A 251 2.82 12.92 6.35
CA VAL A 251 2.12 13.82 5.45
C VAL A 251 0.77 13.24 5.00
N GLY A 252 -0.15 14.10 4.60
CA GLY A 252 -1.42 13.64 4.09
C GLY A 252 -2.44 13.46 5.19
N PRO A 253 -3.69 13.23 4.80
CA PRO A 253 -4.81 13.12 5.73
C PRO A 253 -4.66 11.92 6.67
N ASN A 254 -3.73 11.01 6.34
CA ASN A 254 -3.42 9.89 7.22
C ASN A 254 -1.98 9.99 7.68
N PRO A 255 -1.74 10.69 8.78
CA PRO A 255 -0.38 10.84 9.32
C PRO A 255 0.29 9.51 9.69
N ASP A 256 -0.39 8.36 9.50
CA ASP A 256 0.14 7.06 9.94
C ASP A 256 0.39 6.02 8.83
N ALA A 257 0.32 6.42 7.57
CA ALA A 257 0.55 5.46 6.49
C ALA A 257 0.80 6.19 5.18
N LEU A 258 1.29 5.46 4.18
CA LEU A 258 1.57 6.04 2.87
C LEU A 258 0.38 6.00 1.92
N TYR A 259 0.55 6.65 0.77
CA TYR A 259 -0.33 6.50 -0.37
C TYR A 259 -1.70 7.15 -0.16
N ASP A 260 -1.79 8.04 0.82
CA ASP A 260 -3.04 8.73 1.08
C ASP A 260 -3.08 10.04 0.30
N CYS A 261 -2.16 10.21 -0.64
CA CYS A 261 -2.15 11.42 -1.45
C CYS A 261 -2.71 11.14 -2.83
N GLY A 262 -3.35 12.13 -3.42
CA GLY A 262 -3.68 12.06 -4.84
C GLY A 262 -2.37 12.28 -5.59
N ASN A 263 -2.36 12.08 -6.89
CA ASN A 263 -1.16 12.32 -7.69
C ASN A 263 -0.93 13.81 -7.97
N PRO A 264 0.26 14.17 -8.43
CA PRO A 264 0.54 15.58 -8.71
C PRO A 264 -0.44 16.20 -9.71
N ALA A 265 -0.95 17.38 -9.40
CA ALA A 265 -1.85 18.06 -10.31
C ALA A 265 -1.10 18.56 -11.54
N THR A 266 0.16 18.95 -11.34
CA THR A 266 1.02 19.35 -12.44
C THR A 266 2.24 18.44 -12.52
N GLY A 267 1.99 17.17 -12.82
CA GLY A 267 3.06 16.21 -12.96
C GLY A 267 3.94 16.54 -14.16
N TYR A 268 5.21 16.19 -14.05
CA TYR A 268 6.11 16.32 -15.19
C TYR A 268 5.89 15.16 -16.15
N LEU A 269 6.49 15.27 -17.32
CA LEU A 269 6.69 14.13 -18.21
C LEU A 269 8.15 14.10 -18.67
N LYS A 270 8.95 13.24 -18.04
CA LYS A 270 10.40 13.25 -18.22
C LYS A 270 10.90 12.31 -19.32
N LYS A 271 12.14 12.54 -19.73
CA LYS A 271 12.87 11.59 -20.58
C LYS A 271 14.01 10.97 -19.77
N ALA A 272 14.07 9.64 -19.77
CA ALA A 272 15.14 8.96 -19.04
C ALA A 272 16.03 8.21 -20.02
N ALA A 273 17.32 8.12 -19.69
CA ALA A 273 18.27 7.39 -20.52
C ALA A 273 19.23 6.54 -19.71
N TRP A 274 19.67 5.44 -20.31
CA TRP A 274 20.79 4.69 -19.81
C TRP A 274 22.04 5.59 -19.76
N GLU A 275 22.86 5.39 -18.73
CA GLU A 275 24.06 6.19 -18.51
C GLU A 275 25.03 6.08 -19.66
N GLY A 276 25.00 4.94 -20.34
CA GLY A 276 25.89 4.74 -21.47
C GLY A 276 25.44 5.43 -22.75
N MET A 277 24.22 5.97 -22.80
CA MET A 277 23.69 6.47 -24.08
C MET A 277 24.46 7.68 -24.63
N GLU A 278 24.73 8.68 -23.79
CA GLU A 278 25.49 9.86 -24.23
C GLU A 278 26.85 9.48 -24.80
N ALA A 279 27.50 8.49 -24.18
CA ALA A 279 28.81 8.04 -24.64
C ALA A 279 28.77 7.38 -26.02
N LYS A 280 27.79 6.49 -26.21
CA LYS A 280 27.71 5.70 -27.44
C LYS A 280 27.12 6.50 -28.59
N TRP A 281 26.02 7.20 -28.33
CA TRP A 281 25.32 7.92 -29.38
C TRP A 281 25.18 9.39 -29.06
N PRO A 282 26.29 10.14 -29.09
CA PRO A 282 26.25 11.54 -28.67
C PRO A 282 25.23 12.36 -29.46
N ASP A 283 25.15 12.13 -30.76
CA ASP A 283 24.23 12.87 -31.63
C ASP A 283 22.77 12.52 -31.30
N ALA A 284 22.47 11.23 -31.17
CA ALA A 284 21.12 10.79 -30.83
C ALA A 284 20.75 11.29 -29.44
N TYR A 285 21.73 11.30 -28.55
CA TYR A 285 21.51 11.79 -27.21
C TYR A 285 21.22 13.28 -27.22
N ALA A 286 21.92 14.02 -28.07
CA ALA A 286 21.74 15.47 -28.14
C ALA A 286 20.35 15.79 -28.67
N VAL A 287 19.93 15.05 -29.69
CA VAL A 287 18.57 15.19 -30.21
C VAL A 287 17.57 14.86 -29.10
N LEU A 288 17.86 13.80 -28.36
CA LEU A 288 16.97 13.38 -27.27
C LEU A 288 16.81 14.48 -26.23
N THR A 289 17.87 15.25 -25.97
CA THR A 289 17.77 16.34 -25.01
C THR A 289 16.89 17.46 -25.57
N ARG A 290 16.74 17.48 -26.89
CA ARG A 290 15.95 18.54 -27.52
C ARG A 290 14.48 18.13 -27.70
N ILE A 291 14.25 16.83 -27.83
CA ILE A 291 12.91 16.26 -28.01
C ILE A 291 11.91 16.66 -26.93
N SER A 292 10.81 17.28 -27.36
CA SER A 292 9.81 17.78 -26.44
C SER A 292 8.44 17.84 -27.09
N PHE A 293 7.51 17.01 -26.62
CA PHE A 293 6.13 17.07 -27.12
C PHE A 293 5.25 17.76 -26.09
N THR A 294 4.21 18.42 -26.58
CA THR A 294 3.32 19.20 -25.72
C THR A 294 1.98 18.49 -25.51
N ASN A 295 1.20 18.99 -24.57
CA ASN A 295 -0.13 18.42 -24.34
C ASN A 295 -0.89 18.18 -25.64
N PRO A 296 -1.13 19.23 -26.44
CA PRO A 296 -1.90 19.05 -27.67
C PRO A 296 -1.37 17.90 -28.53
N GLN A 297 -0.05 17.84 -28.69
CA GLN A 297 0.54 16.85 -29.59
C GLN A 297 0.35 15.46 -29.02
N ILE A 298 0.53 15.34 -27.72
CA ILE A 298 0.34 14.07 -27.03
C ILE A 298 -1.13 13.64 -27.11
N ALA A 299 -2.05 14.53 -26.76
CA ALA A 299 -3.48 14.23 -26.86
C ALA A 299 -3.86 13.83 -28.29
N GLU A 300 -3.23 14.46 -29.27
CA GLU A 300 -3.50 14.12 -30.67
C GLU A 300 -3.02 12.71 -31.04
N MET A 301 -1.80 12.38 -30.63
CA MET A 301 -1.26 11.05 -30.83
C MET A 301 -2.18 9.99 -30.22
N ALA A 302 -2.63 10.23 -28.99
CA ALA A 302 -3.56 9.31 -28.35
C ALA A 302 -4.82 9.18 -29.21
N LYS A 303 -5.34 10.32 -29.66
CA LYS A 303 -6.58 10.37 -30.42
C LYS A 303 -6.53 9.54 -31.70
N LEU A 304 -5.34 9.48 -32.31
CA LEU A 304 -5.17 8.83 -33.61
C LEU A 304 -5.39 7.33 -33.52
N VAL A 305 -5.04 6.74 -32.39
CA VAL A 305 -5.24 5.32 -32.18
C VAL A 305 -6.64 5.03 -31.66
N ASP A 306 -7.10 5.85 -30.72
CA ASP A 306 -8.28 5.51 -29.93
C ASP A 306 -9.58 5.97 -30.57
N VAL A 307 -9.53 7.08 -31.27
CA VAL A 307 -10.69 7.59 -31.99
C VAL A 307 -10.60 7.20 -33.46
N ASP A 308 -9.50 7.56 -34.11
CA ASP A 308 -9.35 7.36 -35.54
C ASP A 308 -8.98 5.93 -35.87
N GLU A 309 -8.70 5.16 -34.82
CA GLU A 309 -8.49 3.71 -34.93
C GLU A 309 -7.31 3.33 -35.83
N MET A 310 -6.23 4.09 -35.74
CA MET A 310 -5.05 3.77 -36.52
C MET A 310 -4.11 2.90 -35.73
N GLU A 311 -3.30 2.11 -36.43
CA GLU A 311 -2.20 1.42 -35.82
C GLU A 311 -1.18 2.47 -35.37
N PRO A 312 -0.64 2.32 -34.16
CA PRO A 312 0.29 3.29 -33.61
C PRO A 312 1.44 3.68 -34.56
N ASP A 313 2.02 2.72 -35.26
CA ASP A 313 3.13 3.01 -36.18
C ASP A 313 2.69 3.77 -37.44
N GLU A 314 1.46 3.53 -37.87
CA GLU A 314 0.89 4.25 -39.01
C GLU A 314 0.70 5.71 -38.63
N ALA A 315 0.15 5.92 -37.45
CA ALA A 315 -0.13 7.26 -36.95
C ALA A 315 1.18 8.02 -36.78
N ALA A 316 2.17 7.35 -36.21
CA ALA A 316 3.49 7.93 -36.03
C ALA A 316 4.06 8.41 -37.36
N GLU A 317 4.07 7.55 -38.36
CA GLU A 317 4.57 7.96 -39.68
C GLU A 317 3.74 9.11 -40.27
N ALA A 318 2.43 9.07 -40.06
CA ALA A 318 1.57 10.16 -40.53
C ALA A 318 1.84 11.44 -39.77
N TRP A 319 1.92 11.34 -38.46
CA TRP A 319 2.11 12.52 -37.62
C TRP A 319 3.42 13.21 -37.96
N LEU A 320 4.47 12.42 -38.14
CA LEU A 320 5.78 12.94 -38.48
C LEU A 320 5.72 13.78 -39.76
N GLU A 321 5.16 13.17 -40.81
CA GLU A 321 5.04 13.81 -42.12
C GLU A 321 4.18 15.07 -42.07
N ALA A 322 3.17 15.06 -41.22
CA ALA A 322 2.24 16.18 -41.13
C ALA A 322 2.77 17.31 -40.24
N ASN A 323 3.78 17.01 -39.42
CA ASN A 323 4.26 17.96 -38.44
C ASN A 323 5.77 18.19 -38.47
N GLU A 324 6.38 18.15 -39.66
CA GLU A 324 7.83 18.34 -39.70
C GLU A 324 8.23 19.76 -39.30
N ASP A 325 7.25 20.65 -39.11
CA ASP A 325 7.55 21.98 -38.55
C ASP A 325 7.96 21.82 -37.08
N VAL A 326 7.56 20.70 -36.49
CA VAL A 326 7.72 20.48 -35.07
C VAL A 326 9.11 19.93 -34.71
N TRP A 327 9.52 18.86 -35.38
CA TRP A 327 10.70 18.12 -34.92
C TRP A 327 11.98 18.43 -35.68
N ARG A 328 11.84 19.06 -36.84
CA ARG A 328 12.99 19.43 -37.66
C ARG A 328 14.12 20.11 -36.88
N PRO A 329 13.80 21.17 -36.13
CA PRO A 329 14.83 21.96 -35.43
C PRO A 329 15.59 21.16 -34.39
N TRP A 330 15.03 20.03 -34.00
CA TRP A 330 15.69 19.13 -33.05
C TRP A 330 16.94 18.52 -33.68
N LEU A 331 16.93 18.40 -34.99
CA LEU A 331 18.07 17.87 -35.73
C LEU A 331 19.06 18.99 -36.06
N ASP A 332 18.71 20.20 -35.62
CA ASP A 332 19.32 21.47 -36.00
C ASP A 332 18.90 22.10 -37.31
N GLY A 333 18.22 21.33 -38.15
CA GLY A 333 17.76 21.86 -39.42
C GLY A 333 16.29 22.01 -39.11
N ASP B 43 23.48 19.37 8.08
CA ASP B 43 22.24 19.77 8.74
C ASP B 43 21.16 18.70 8.61
N SER B 44 21.53 17.55 8.06
CA SER B 44 20.59 16.46 7.84
C SER B 44 21.00 15.18 8.56
N SER B 45 20.05 14.26 8.67
CA SER B 45 20.27 12.99 9.33
C SER B 45 19.57 11.90 8.52
N ASP B 46 20.05 10.67 8.67
CA ASP B 46 19.45 9.54 7.99
C ASP B 46 19.40 8.35 8.94
N PRO B 47 18.61 8.48 10.01
CA PRO B 47 18.61 7.48 11.09
C PRO B 47 17.93 6.18 10.67
N ILE B 48 18.21 5.11 11.40
CA ILE B 48 17.34 3.95 11.32
C ILE B 48 15.98 4.43 11.80
N VAL B 49 14.96 4.13 11.02
CA VAL B 49 13.60 4.56 11.33
C VAL B 49 12.79 3.37 11.85
N ILE B 50 12.34 3.47 13.10
CA ILE B 50 11.64 2.37 13.73
C ILE B 50 10.16 2.72 13.90
N PRO B 51 9.28 1.91 13.30
CA PRO B 51 7.83 2.14 13.34
C PRO B 51 7.24 1.69 14.65
N ILE B 52 6.31 2.47 15.15
CA ILE B 52 5.67 2.18 16.42
C ILE B 52 4.16 2.24 16.21
N HIS B 53 3.46 1.40 16.96
CA HIS B 53 2.03 1.26 16.72
C HIS B 53 1.29 1.44 18.03
N ASN B 54 0.11 0.84 18.14
CA ASN B 54 -0.79 1.14 19.25
C ASN B 54 -1.07 0.04 20.28
N TRP B 55 -0.03 -0.71 20.64
CA TRP B 55 -0.12 -1.61 21.77
C TRP B 55 1.24 -1.69 22.43
N SER B 56 1.21 -2.01 23.72
CA SER B 56 2.34 -1.82 24.62
C SER B 56 3.65 -2.49 24.23
N SER B 57 3.62 -3.81 24.09
CA SER B 57 4.86 -4.56 23.90
C SER B 57 5.60 -4.12 22.64
N GLN B 58 4.87 -3.83 21.57
CA GLN B 58 5.51 -3.41 20.35
C GLN B 58 6.27 -2.10 20.57
N ILE B 59 5.62 -1.14 21.22
CA ILE B 59 6.23 0.16 21.42
C ILE B 59 7.43 0.04 22.36
N VAL B 60 7.27 -0.73 23.42
CA VAL B 60 8.39 -0.96 24.32
C VAL B 60 9.53 -1.66 23.57
N MET B 61 9.21 -2.75 22.86
CA MET B 61 10.25 -3.53 22.19
C MET B 61 11.01 -2.64 21.22
N SER B 62 10.26 -1.80 20.51
CA SER B 62 10.83 -0.88 19.53
C SER B 62 11.81 0.06 20.22
N ASN B 63 11.42 0.55 21.39
CA ASN B 63 12.28 1.48 22.13
C ASN B 63 13.49 0.82 22.76
N VAL B 64 13.38 -0.47 23.07
CA VAL B 64 14.53 -1.25 23.53
C VAL B 64 15.58 -1.33 22.44
N VAL B 65 15.18 -1.84 21.29
CA VAL B 65 16.08 -2.04 20.17
C VAL B 65 16.63 -0.70 19.71
N GLY B 66 15.78 0.31 19.69
CA GLY B 66 16.21 1.65 19.36
C GLY B 66 17.44 2.07 20.14
N GLN B 67 17.43 1.79 21.44
CA GLN B 67 18.50 2.20 22.34
C GLN B 67 19.67 1.22 22.28
N ILE B 68 19.41 0.03 21.76
CA ILE B 68 20.48 -0.91 21.52
C ILE B 68 21.32 -0.40 20.35
N PHE B 69 20.62 0.05 19.30
CA PHE B 69 21.28 0.61 18.14
C PHE B 69 22.01 1.90 18.47
N GLU B 70 21.42 2.75 19.29
CA GLU B 70 22.07 4.00 19.64
C GLU B 70 23.29 3.77 20.52
N GLU B 71 23.24 2.71 21.31
CA GLU B 71 24.42 2.25 22.04
C GLU B 71 25.53 2.01 21.04
N MET B 72 25.16 1.37 19.91
CA MET B 72 26.14 1.01 18.88
C MET B 72 26.65 2.21 18.07
N GLY B 73 26.14 3.39 18.36
CA GLY B 73 26.55 4.60 17.66
C GLY B 73 25.53 5.09 16.65
N VAL B 74 24.77 4.17 16.07
CA VAL B 74 23.74 4.50 15.09
C VAL B 74 22.69 5.43 15.68
N ALA B 75 22.24 6.40 14.88
CA ALA B 75 21.11 7.24 15.29
C ALA B 75 19.80 6.55 14.91
N VAL B 76 18.81 6.60 15.80
CA VAL B 76 17.51 6.00 15.51
C VAL B 76 16.37 6.97 15.79
N GLU B 77 15.38 6.94 14.91
CA GLU B 77 14.19 7.77 15.07
C GLU B 77 12.98 6.85 15.18
N PHE B 78 11.95 7.28 15.93
CA PHE B 78 10.72 6.51 16.05
C PHE B 78 9.57 7.16 15.30
N VAL B 79 8.78 6.35 14.60
CA VAL B 79 7.61 6.87 13.87
C VAL B 79 6.36 6.02 14.06
N THR B 80 5.29 6.65 14.55
CA THR B 80 3.99 5.99 14.70
C THR B 80 3.37 5.74 13.33
N THR B 81 3.07 4.49 13.03
CA THR B 81 2.34 4.15 11.81
C THR B 81 1.13 3.24 12.07
N ASP B 82 0.30 3.09 11.04
CA ASP B 82 -0.78 2.13 11.03
C ASP B 82 -0.16 0.73 11.07
N SER B 83 -0.71 -0.15 11.90
CA SER B 83 -0.10 -1.48 12.10
C SER B 83 -0.05 -2.35 10.85
N GLN B 84 -0.94 -2.09 9.90
CA GLN B 84 -0.95 -2.86 8.66
C GLN B 84 -0.12 -2.19 7.56
N ALA B 85 -0.17 -0.86 7.54
CA ALA B 85 0.43 -0.08 6.45
C ALA B 85 1.94 -0.02 6.58
N VAL B 86 2.46 -0.48 7.71
CA VAL B 86 3.89 -0.34 7.98
C VAL B 86 4.73 -1.18 7.03
N TYR B 87 4.19 -2.30 6.58
CA TYR B 87 4.94 -3.21 5.73
C TYR B 87 5.23 -2.59 4.38
N GLU B 88 4.29 -1.80 3.89
CA GLU B 88 4.50 -1.12 2.63
C GLU B 88 5.52 0.01 2.83
N SER B 89 5.59 0.52 4.05
CA SER B 89 6.55 1.57 4.42
C SER B 89 7.98 1.03 4.53
N VAL B 90 8.12 -0.17 5.08
CA VAL B 90 9.40 -0.83 5.23
C VAL B 90 9.98 -1.21 3.87
N ARG B 91 9.09 -1.61 2.96
CA ARG B 91 9.44 -2.09 1.64
C ARG B 91 10.14 -1.03 0.82
N LEU B 92 9.81 0.23 1.11
CA LEU B 92 10.34 1.35 0.34
C LEU B 92 11.54 2.01 1.00
N GLY B 93 11.96 1.50 2.16
CA GLY B 93 13.15 2.00 2.82
C GLY B 93 12.99 3.20 3.76
N ASP B 94 11.90 3.94 3.62
CA ASP B 94 11.64 5.09 4.49
C ASP B 94 11.52 4.69 5.95
N VAL B 95 10.85 3.56 6.19
CA VAL B 95 10.86 2.93 7.49
C VAL B 95 11.79 1.73 7.35
N THR B 96 12.60 1.48 8.38
CA THR B 96 13.72 0.56 8.23
C THR B 96 13.36 -0.90 8.47
N LEU B 97 12.48 -1.16 9.45
CA LEU B 97 12.25 -2.52 9.93
C LEU B 97 10.96 -2.65 10.74
N GLU B 98 10.57 -3.89 11.06
CA GLU B 98 9.46 -4.11 12.00
C GLU B 98 9.76 -5.25 12.95
N LEU B 99 9.56 -5.00 14.25
CA LEU B 99 9.93 -5.95 15.28
C LEU B 99 8.85 -6.96 15.75
N GLU B 100 7.56 -6.64 15.53
CA GLU B 100 6.50 -7.58 15.90
C GLU B 100 5.58 -7.93 14.75
N VAL B 101 6.01 -8.91 13.96
CA VAL B 101 5.18 -9.38 12.87
C VAL B 101 4.31 -10.53 13.38
N TRP B 102 3.19 -10.15 13.99
CA TRP B 102 2.21 -11.08 14.49
C TRP B 102 1.57 -11.76 13.29
N GLU B 103 1.63 -13.10 13.28
CA GLU B 103 1.07 -13.86 12.17
C GLU B 103 -0.42 -13.60 12.00
N GLY B 104 -1.19 -13.91 13.04
CA GLY B 104 -2.64 -13.67 13.00
C GLY B 104 -3.03 -12.34 12.39
N ALA B 105 -2.74 -11.25 13.08
CA ALA B 105 -3.15 -9.92 12.60
C ALA B 105 -2.44 -9.45 11.34
N PHE B 106 -1.14 -9.71 11.23
CA PHE B 106 -0.32 -9.00 10.23
C PHE B 106 0.24 -9.87 9.09
N GLY B 107 0.06 -11.19 9.20
CA GLY B 107 0.58 -12.11 8.20
C GLY B 107 0.22 -11.76 6.77
N ALA B 108 -1.02 -11.36 6.53
CA ALA B 108 -1.44 -11.10 5.16
C ALA B 108 -0.72 -9.87 4.58
N SER B 109 -0.78 -8.76 5.30
CA SER B 109 -0.11 -7.53 4.88
C SER B 109 1.41 -7.67 4.76
N PHE B 110 1.99 -8.53 5.60
CA PHE B 110 3.42 -8.86 5.52
C PHE B 110 3.72 -9.53 4.17
N ARG B 111 2.97 -10.59 3.87
CA ARG B 111 3.11 -11.31 2.61
C ARG B 111 2.87 -10.38 1.42
N ALA B 112 1.90 -9.49 1.55
CA ALA B 112 1.56 -8.56 0.48
C ALA B 112 2.71 -7.62 0.14
N ALA B 113 3.45 -7.16 1.16
CA ALA B 113 4.60 -6.31 0.88
C ALA B 113 5.70 -7.15 0.26
N LEU B 114 5.85 -8.36 0.79
CA LEU B 114 6.88 -9.30 0.34
C LEU B 114 6.74 -9.63 -1.15
N GLU B 115 5.51 -9.77 -1.62
CA GLU B 115 5.27 -10.11 -3.02
C GLU B 115 5.47 -8.91 -3.96
N LYS B 116 5.81 -7.75 -3.41
CA LYS B 116 6.17 -6.58 -4.22
C LYS B 116 7.65 -6.29 -4.13
N GLY B 117 8.39 -7.16 -3.44
CA GLY B 117 9.83 -7.00 -3.24
C GLY B 117 10.25 -5.74 -2.48
N GLY B 118 11.42 -5.79 -1.85
CA GLY B 118 11.93 -4.63 -1.13
C GLY B 118 11.94 -4.84 0.37
N ILE B 119 11.35 -5.93 0.81
CA ILE B 119 11.32 -6.25 2.23
C ILE B 119 11.73 -7.70 2.42
N VAL B 120 12.44 -7.97 3.51
CA VAL B 120 12.93 -9.31 3.77
C VAL B 120 12.56 -9.75 5.18
N ASP B 121 12.31 -11.05 5.35
CA ASP B 121 12.07 -11.65 6.66
C ASP B 121 13.41 -11.83 7.41
N VAL B 122 13.49 -11.33 8.63
CA VAL B 122 14.71 -11.36 9.43
C VAL B 122 14.67 -12.39 10.57
N GLY B 123 13.83 -13.40 10.45
CA GLY B 123 13.82 -14.48 11.42
C GLY B 123 12.68 -14.39 12.41
N ASP B 124 12.49 -15.46 13.19
CA ASP B 124 11.40 -15.53 14.16
C ASP B 124 11.87 -15.25 15.58
N HIS B 125 10.96 -14.71 16.38
CA HIS B 125 11.20 -14.61 17.81
C HIS B 125 10.99 -15.99 18.40
N ASP B 126 11.51 -16.23 19.60
CA ASP B 126 11.23 -17.50 20.27
C ASP B 126 9.90 -17.42 21.01
N ALA B 127 8.93 -16.76 20.40
CA ALA B 127 7.60 -16.63 20.98
C ALA B 127 6.58 -17.34 20.11
N VAL B 128 5.47 -17.75 20.71
CA VAL B 128 4.34 -18.25 19.94
C VAL B 128 3.12 -17.40 20.26
N THR B 129 2.34 -17.09 19.24
CA THR B 129 1.33 -16.06 19.37
C THR B 129 -0.10 -16.54 19.17
N ARG B 130 -1.05 -15.84 19.79
CA ARG B 130 -2.45 -16.00 19.43
C ARG B 130 -3.15 -14.66 19.53
N GLU B 131 -3.94 -14.34 18.50
CA GLU B 131 -4.75 -13.14 18.53
C GLU B 131 -6.17 -13.53 18.10
N ASP B 132 -7.16 -13.21 18.94
CA ASP B 132 -8.53 -13.60 18.63
C ASP B 132 -9.55 -13.11 19.67
N TRP B 133 -10.82 -13.40 19.42
CA TRP B 133 -11.88 -13.08 20.37
C TRP B 133 -11.62 -13.83 21.65
N TRP B 134 -11.82 -13.16 22.77
CA TRP B 134 -11.38 -13.66 24.06
C TRP B 134 -12.33 -13.19 25.17
N TYR B 135 -12.41 -13.97 26.25
CA TYR B 135 -13.26 -13.63 27.36
C TYR B 135 -12.57 -13.95 28.68
N PRO B 136 -12.72 -13.05 29.67
CA PRO B 136 -12.25 -13.37 31.02
C PRO B 136 -13.09 -14.52 31.51
N MET B 137 -12.53 -15.36 32.37
CA MET B 137 -13.18 -16.61 32.73
C MET B 137 -14.64 -16.51 33.20
N TRP B 138 -14.97 -15.40 33.86
CA TRP B 138 -16.29 -15.27 34.45
C TRP B 138 -17.43 -15.19 33.42
N THR B 139 -17.09 -14.80 32.21
CA THR B 139 -18.01 -14.80 31.09
C THR B 139 -18.62 -16.20 30.85
N LYS B 140 -17.85 -17.23 31.17
CA LYS B 140 -18.30 -18.60 30.97
C LYS B 140 -19.41 -18.97 31.97
N ASP B 141 -19.56 -18.15 33.01
CA ASP B 141 -20.68 -18.26 33.93
C ASP B 141 -21.97 -18.09 33.16
N ALA B 142 -22.05 -16.97 32.43
CA ALA B 142 -23.22 -16.55 31.71
C ALA B 142 -23.38 -17.26 30.37
N CYS B 143 -22.28 -17.86 29.88
CA CYS B 143 -22.34 -18.63 28.64
C CYS B 143 -21.47 -19.85 28.75
N PRO B 144 -21.90 -20.83 29.56
CA PRO B 144 -21.06 -21.98 29.87
C PRO B 144 -20.67 -22.85 28.67
N GLY B 145 -21.35 -22.66 27.54
CA GLY B 145 -21.03 -23.38 26.31
C GLY B 145 -19.70 -22.99 25.65
N LEU B 146 -19.23 -21.79 25.95
CA LEU B 146 -17.92 -21.34 25.48
C LEU B 146 -16.87 -22.42 25.74
N PRO B 147 -15.76 -22.41 24.99
CA PRO B 147 -15.26 -21.39 24.06
C PRO B 147 -15.77 -21.55 22.63
N ASP B 148 -16.47 -22.66 22.38
CA ASP B 148 -17.07 -22.92 21.09
C ASP B 148 -17.76 -21.68 20.57
N TRP B 149 -17.41 -21.27 19.34
CA TRP B 149 -17.95 -20.05 18.74
C TRP B 149 -19.44 -20.16 18.43
N LYS B 150 -19.91 -21.39 18.21
CA LYS B 150 -21.33 -21.62 17.96
C LYS B 150 -22.14 -21.39 19.23
N ALA B 151 -21.54 -21.71 20.38
CA ALA B 151 -22.14 -21.45 21.68
C ALA B 151 -22.17 -19.96 21.94
N LEU B 152 -21.07 -19.29 21.60
CA LEU B 152 -20.94 -17.86 21.76
C LEU B 152 -22.03 -17.18 20.99
N ASN B 153 -22.28 -17.67 19.78
CA ASN B 153 -23.32 -17.09 18.94
C ASN B 153 -24.70 -17.32 19.49
N ASP B 154 -24.93 -18.52 20.03
CA ASP B 154 -26.18 -18.82 20.72
C ASP B 154 -26.36 -17.87 21.90
N CYS B 155 -25.25 -17.38 22.46
CA CYS B 155 -25.29 -16.43 23.57
C CYS B 155 -25.25 -14.95 23.16
N ALA B 156 -25.36 -14.68 21.85
CA ALA B 156 -25.37 -13.29 21.40
C ALA B 156 -26.14 -12.35 22.33
N ALA B 157 -27.37 -12.71 22.70
CA ALA B 157 -28.22 -11.84 23.53
C ALA B 157 -27.63 -11.57 24.91
N VAL B 158 -26.84 -12.52 25.40
CA VAL B 158 -26.05 -12.31 26.60
C VAL B 158 -25.15 -11.08 26.46
N PHE B 159 -24.61 -10.88 25.26
CA PHE B 159 -23.59 -9.84 25.08
C PHE B 159 -24.12 -8.56 24.47
N ALA B 160 -25.40 -8.58 24.10
CA ALA B 160 -26.01 -7.41 23.48
C ALA B 160 -25.94 -6.23 24.43
N THR B 161 -25.72 -5.06 23.85
CA THR B 161 -25.83 -3.81 24.56
C THR B 161 -27.00 -3.06 23.94
N ALA B 162 -27.01 -1.74 24.09
CA ALA B 162 -27.96 -0.90 23.38
C ALA B 162 -27.39 -0.61 21.99
N GLU B 163 -28.28 -0.40 21.03
CA GLU B 163 -27.87 -0.27 19.63
C GLU B 163 -26.93 -1.38 19.17
N THR B 164 -27.04 -2.52 19.84
CA THR B 164 -26.77 -3.82 19.28
C THR B 164 -28.03 -4.69 19.40
N GLY B 165 -28.96 -4.22 20.24
CA GLY B 165 -30.27 -4.83 20.42
C GLY B 165 -30.25 -6.32 20.62
N ASP B 166 -30.70 -7.04 19.61
CA ASP B 166 -30.77 -8.49 19.62
C ASP B 166 -29.42 -9.12 19.26
N LYS B 167 -28.48 -8.31 18.81
CA LYS B 167 -27.16 -8.81 18.44
C LYS B 167 -26.20 -8.69 19.59
N GLY B 168 -25.27 -9.64 19.70
CA GLY B 168 -24.18 -9.49 20.65
C GLY B 168 -23.28 -8.32 20.27
N ARG B 169 -22.60 -7.76 21.26
CA ARG B 169 -21.57 -6.74 21.05
C ARG B 169 -20.21 -7.40 21.29
N TYR B 170 -19.40 -7.47 20.25
CA TYR B 170 -18.01 -7.91 20.39
C TYR B 170 -17.10 -6.68 20.30
N LEU B 171 -16.23 -6.51 21.28
CA LEU B 171 -15.32 -5.37 21.25
C LEU B 171 -13.97 -5.80 20.66
N ASP B 172 -13.83 -5.66 19.35
CA ASP B 172 -12.56 -5.93 18.68
C ASP B 172 -11.55 -4.83 19.03
N GLY B 173 -10.31 -5.01 18.58
CA GLY B 173 -9.28 -4.00 18.80
C GLY B 173 -9.44 -2.93 17.75
N PRO B 174 -8.54 -1.94 17.74
CA PRO B 174 -8.51 -0.88 16.74
C PRO B 174 -8.54 -1.46 15.32
N VAL B 175 -8.98 -0.64 14.38
CA VAL B 175 -9.24 -1.10 13.03
C VAL B 175 -7.99 -1.60 12.30
N ASP B 176 -6.80 -1.18 12.73
CA ASP B 176 -5.56 -1.64 12.07
C ASP B 176 -5.05 -3.01 12.55
N TRP B 177 -5.80 -3.69 13.41
CA TRP B 177 -5.37 -4.99 13.92
C TRP B 177 -5.90 -6.26 13.26
N LEU B 178 -7.15 -6.62 13.53
CA LEU B 178 -7.75 -7.76 12.82
C LEU B 178 -8.60 -7.15 11.71
N LYS B 179 -8.22 -7.44 10.47
CA LYS B 179 -8.87 -6.82 9.32
C LYS B 179 -10.29 -7.29 8.99
N HIS B 180 -10.62 -8.53 9.35
CA HIS B 180 -11.84 -9.15 8.82
C HIS B 180 -12.89 -9.63 9.83
N GLY B 181 -12.98 -9.00 10.99
CA GLY B 181 -13.97 -9.41 11.98
C GLY B 181 -15.40 -9.32 11.44
N LYS B 182 -15.77 -8.17 10.91
CA LYS B 182 -17.09 -7.99 10.33
C LYS B 182 -17.38 -9.06 9.28
N GLU B 183 -16.38 -9.34 8.45
CA GLU B 183 -16.48 -10.34 7.37
C GLU B 183 -16.56 -11.77 7.90
N ARG B 184 -15.78 -12.07 8.93
CA ARG B 184 -15.85 -13.37 9.58
C ARG B 184 -17.26 -13.59 10.13
N VAL B 185 -17.78 -12.55 10.75
CA VAL B 185 -19.13 -12.56 11.29
C VAL B 185 -20.18 -12.85 10.23
N GLU B 186 -20.05 -12.19 9.09
CA GLU B 186 -21.00 -12.38 8.00
C GLU B 186 -20.87 -13.77 7.38
N ALA B 187 -19.63 -14.18 7.10
CA ALA B 187 -19.39 -15.49 6.53
C ALA B 187 -19.93 -16.61 7.42
N LEU B 188 -19.82 -16.42 8.73
CA LEU B 188 -20.25 -17.44 9.68
C LEU B 188 -21.71 -17.23 10.11
N GLY B 189 -22.35 -16.21 9.53
CA GLY B 189 -23.75 -15.95 9.76
C GLY B 189 -24.08 -15.70 11.23
N MET B 190 -23.14 -15.05 11.91
CA MET B 190 -23.29 -14.78 13.34
C MET B 190 -24.16 -13.58 13.65
N ASN B 191 -24.88 -13.69 14.76
CA ASN B 191 -25.71 -12.62 15.29
C ASN B 191 -24.91 -11.70 16.21
N PHE B 192 -23.84 -11.12 15.68
CA PHE B 192 -22.97 -10.19 16.41
C PHE B 192 -22.69 -8.92 15.61
N GLU B 193 -22.47 -7.83 16.33
CA GLU B 193 -21.92 -6.63 15.74
C GLU B 193 -20.52 -6.42 16.26
N VAL B 194 -19.59 -6.14 15.34
CA VAL B 194 -18.21 -5.93 15.71
C VAL B 194 -18.00 -4.43 15.91
N ILE B 195 -17.52 -4.06 17.09
CA ILE B 195 -17.11 -2.68 17.29
C ILE B 195 -15.61 -2.65 17.56
N ASN B 196 -14.93 -1.75 16.86
CA ASN B 196 -13.51 -1.64 17.00
C ASN B 196 -13.18 -0.64 18.08
N ALA B 197 -12.43 -1.10 19.08
CA ALA B 197 -11.96 -0.21 20.12
C ALA B 197 -11.13 0.91 19.49
N GLY B 198 -11.05 2.02 20.19
CA GLY B 198 -10.25 3.14 19.73
C GLY B 198 -8.79 2.85 20.02
N SER B 199 -8.53 2.13 21.10
CA SER B 199 -7.18 1.87 21.55
C SER B 199 -7.11 0.54 22.30
N ALA B 200 -5.89 0.10 22.57
CA ALA B 200 -5.64 -1.03 23.47
C ALA B 200 -6.27 -0.80 24.84
N ALA B 201 -6.17 0.44 25.32
CA ALA B 201 -6.59 0.81 26.67
C ALA B 201 -8.08 0.51 26.92
N ALA B 202 -8.87 0.61 25.86
CA ALA B 202 -10.30 0.37 25.97
C ALA B 202 -10.59 -1.09 26.29
N LEU B 203 -9.74 -1.98 25.80
CA LEU B 203 -9.90 -3.40 26.05
C LEU B 203 -9.73 -3.68 27.53
N TRP B 204 -8.66 -3.13 28.09
CA TRP B 204 -8.37 -3.33 29.50
C TRP B 204 -9.45 -2.72 30.38
N ALA B 205 -9.82 -1.47 30.12
CA ALA B 205 -10.95 -0.85 30.84
C ALA B 205 -12.21 -1.72 30.85
N GLU B 206 -12.59 -2.21 29.68
CA GLU B 206 -13.79 -3.01 29.52
C GLU B 206 -13.74 -4.29 30.38
N ILE B 207 -12.61 -4.98 30.33
CA ILE B 207 -12.44 -6.22 31.08
C ILE B 207 -12.45 -5.96 32.58
N GLY B 208 -11.82 -4.87 32.97
CA GLY B 208 -11.74 -4.48 34.37
C GLY B 208 -13.07 -4.09 34.97
N ALA B 209 -13.78 -3.18 34.31
CA ALA B 209 -15.13 -2.78 34.74
C ALA B 209 -16.11 -3.95 34.83
N ALA B 210 -15.88 -4.97 34.02
CA ALA B 210 -16.81 -6.09 33.93
C ALA B 210 -16.65 -7.05 35.10
N GLU B 211 -15.54 -6.93 35.84
CA GLU B 211 -15.15 -7.95 36.82
C GLU B 211 -16.02 -8.04 38.10
N ALA B 212 -16.30 -6.89 38.70
CA ALA B 212 -16.98 -6.85 40.00
C ALA B 212 -18.28 -7.64 40.04
N ASP B 213 -19.16 -7.40 39.08
CA ASP B 213 -20.43 -8.11 39.07
C ASP B 213 -20.45 -9.16 37.96
N LYS B 214 -19.25 -9.53 37.51
CA LYS B 214 -19.06 -10.64 36.59
C LYS B 214 -19.94 -10.53 35.34
N ARG B 215 -20.13 -9.31 34.88
CA ARG B 215 -20.79 -9.06 33.59
C ARG B 215 -20.05 -9.76 32.43
N PRO B 216 -20.80 -10.45 31.56
CA PRO B 216 -20.11 -11.18 30.50
C PRO B 216 -19.73 -10.25 29.37
N VAL B 217 -18.49 -10.39 28.88
CA VAL B 217 -18.00 -9.63 27.75
C VAL B 217 -17.13 -10.50 26.86
N VAL B 218 -17.12 -10.18 25.58
CA VAL B 218 -16.18 -10.78 24.66
C VAL B 218 -15.42 -9.68 23.91
N VAL B 219 -14.09 -9.69 24.03
CA VAL B 219 -13.26 -8.66 23.44
C VAL B 219 -12.00 -9.26 22.84
N PHE B 220 -11.35 -8.51 21.94
CA PHE B 220 -10.09 -8.95 21.37
C PHE B 220 -9.03 -8.99 22.47
N ASN B 221 -8.25 -10.06 22.49
CA ASN B 221 -7.07 -10.14 23.34
C ASN B 221 -6.03 -10.99 22.63
N TRP B 222 -4.83 -11.09 23.20
CA TRP B 222 -3.76 -11.85 22.58
C TRP B 222 -2.77 -12.36 23.59
N THR B 223 -1.89 -13.26 23.15
CA THR B 223 -0.75 -13.71 23.95
C THR B 223 0.48 -13.89 23.07
N PRO B 224 1.67 -13.57 23.59
CA PRO B 224 1.93 -13.09 24.96
C PRO B 224 1.46 -11.67 25.16
N ASN B 225 0.98 -11.41 26.38
CA ASN B 225 0.46 -10.10 26.76
C ASN B 225 0.34 -10.13 28.28
N PHE B 226 0.09 -8.98 28.88
CA PHE B 226 0.05 -8.85 30.33
C PHE B 226 -1.29 -9.28 30.96
N ALA B 227 -2.35 -9.21 30.16
CA ALA B 227 -3.72 -9.25 30.68
C ALA B 227 -4.09 -10.57 31.34
N GLU B 228 -3.57 -11.66 30.82
CA GLU B 228 -3.99 -12.98 31.26
C GLU B 228 -3.54 -13.31 32.69
N ALA B 229 -2.43 -12.72 33.11
CA ALA B 229 -1.99 -12.86 34.51
C ALA B 229 -2.92 -12.11 35.45
N VAL B 230 -3.62 -11.11 34.92
CA VAL B 230 -4.47 -10.24 35.74
C VAL B 230 -5.93 -10.70 35.76
N TRP B 231 -6.51 -10.93 34.59
CA TRP B 231 -7.86 -11.46 34.50
C TRP B 231 -7.77 -12.71 33.64
N PRO B 232 -7.52 -13.87 34.26
CA PRO B 232 -7.37 -15.13 33.52
C PRO B 232 -8.56 -15.36 32.57
N GLY B 233 -8.29 -15.80 31.35
CA GLY B 233 -9.33 -15.94 30.35
C GLY B 233 -9.07 -17.05 29.35
N GLU B 234 -9.90 -17.11 28.32
CA GLU B 234 -9.85 -18.15 27.31
C GLU B 234 -10.17 -17.50 25.97
N PHE B 235 -9.54 -17.97 24.91
CA PHE B 235 -9.90 -17.51 23.56
C PHE B 235 -11.13 -18.23 23.06
N VAL B 236 -12.01 -17.50 22.37
CA VAL B 236 -13.11 -18.14 21.67
C VAL B 236 -12.60 -19.08 20.60
N GLU B 237 -13.10 -20.31 20.58
CA GLU B 237 -12.65 -21.31 19.63
C GLU B 237 -13.52 -21.34 18.38
N PHE B 238 -13.22 -20.42 17.46
CA PHE B 238 -13.80 -20.39 16.10
C PHE B 238 -13.26 -21.57 15.28
N PRO B 239 -13.78 -21.74 14.06
CA PRO B 239 -13.23 -22.83 13.24
C PRO B 239 -11.71 -22.72 13.18
N GLU B 240 -11.02 -23.77 13.57
CA GLU B 240 -9.57 -23.69 13.69
C GLU B 240 -8.90 -23.29 12.38
N TRP B 241 -7.86 -22.46 12.48
CA TRP B 241 -7.23 -21.91 11.30
C TRP B 241 -6.80 -23.03 10.36
N VAL B 242 -6.89 -22.74 9.07
CA VAL B 242 -6.41 -23.62 8.02
C VAL B 242 -5.67 -22.75 7.04
N ASP B 243 -4.51 -23.24 6.59
CA ASP B 243 -3.76 -22.50 5.59
C ASP B 243 -4.62 -22.22 4.36
N GLY B 244 -4.72 -20.94 4.00
CA GLY B 244 -5.51 -20.56 2.87
C GLY B 244 -6.91 -20.11 3.23
N CYS B 245 -7.25 -20.16 4.52
CA CYS B 245 -8.59 -19.74 4.93
C CYS B 245 -8.81 -18.28 4.53
N ASP B 246 -7.72 -17.57 4.32
CA ASP B 246 -7.78 -16.18 3.88
C ASP B 246 -7.49 -15.98 2.39
N LYS B 247 -7.35 -17.08 1.66
CA LYS B 247 -7.15 -16.97 0.21
C LYS B 247 -7.89 -18.00 -0.64
N ASP B 248 -8.46 -19.00 0.00
CA ASP B 248 -9.25 -20.01 -0.70
C ASP B 248 -10.58 -20.08 0.03
N PRO B 249 -11.69 -19.74 -0.65
CA PRO B 249 -12.96 -19.67 0.09
C PRO B 249 -13.48 -21.05 0.43
N ALA B 250 -13.04 -22.08 -0.30
CA ALA B 250 -13.55 -23.43 -0.11
C ALA B 250 -13.21 -24.04 1.26
N VAL B 251 -12.26 -23.45 1.97
CA VAL B 251 -11.93 -23.95 3.30
C VAL B 251 -12.87 -23.36 4.36
N GLY B 252 -12.81 -23.84 5.59
CA GLY B 252 -13.65 -23.31 6.65
C GLY B 252 -15.08 -23.81 6.50
N PRO B 253 -15.98 -23.40 7.40
CA PRO B 253 -17.37 -23.87 7.33
C PRO B 253 -18.12 -23.35 6.10
N ASN B 254 -17.82 -22.14 5.67
CA ASN B 254 -18.50 -21.52 4.53
C ASN B 254 -17.66 -21.61 3.25
N PRO B 255 -18.02 -22.52 2.34
CA PRO B 255 -17.13 -22.80 1.20
C PRO B 255 -17.12 -21.71 0.12
N ASP B 256 -17.99 -20.71 0.23
CA ASP B 256 -18.02 -19.61 -0.74
C ASP B 256 -17.59 -18.26 -0.15
N ALA B 257 -16.96 -18.27 1.02
CA ALA B 257 -16.51 -17.04 1.65
C ALA B 257 -15.14 -17.18 2.28
N LEU B 258 -14.37 -16.11 2.29
CA LEU B 258 -13.05 -16.13 2.93
C LEU B 258 -13.17 -15.66 4.36
N TYR B 259 -12.07 -15.75 5.12
CA TYR B 259 -11.99 -15.15 6.46
C TYR B 259 -12.95 -15.75 7.50
N ASP B 260 -13.37 -17.00 7.29
CA ASP B 260 -14.28 -17.66 8.21
C ASP B 260 -13.58 -18.68 9.10
N CYS B 261 -12.34 -18.39 9.48
CA CYS B 261 -11.64 -19.21 10.46
C CYS B 261 -11.17 -18.34 11.61
N GLY B 262 -10.97 -18.96 12.77
CA GLY B 262 -10.24 -18.30 13.85
C GLY B 262 -8.75 -18.24 13.51
N ASN B 263 -8.04 -17.33 14.17
CA ASN B 263 -6.63 -17.10 13.84
C ASN B 263 -5.76 -18.26 14.32
N PRO B 264 -4.54 -18.35 13.77
CA PRO B 264 -3.59 -19.37 14.24
C PRO B 264 -3.54 -19.36 15.76
N ALA B 265 -3.65 -20.54 16.36
CA ALA B 265 -3.72 -20.64 17.81
C ALA B 265 -2.33 -20.50 18.42
N THR B 266 -1.32 -20.93 17.67
CA THR B 266 0.06 -20.83 18.11
C THR B 266 0.92 -20.29 16.97
N GLY B 267 0.71 -19.03 16.62
CA GLY B 267 1.37 -18.49 15.44
C GLY B 267 2.75 -17.98 15.75
N TYR B 268 3.42 -17.45 14.73
CA TYR B 268 4.77 -16.94 14.90
C TYR B 268 4.73 -15.47 15.25
N LEU B 269 5.87 -14.97 15.69
CA LEU B 269 6.13 -13.55 15.81
C LEU B 269 7.43 -13.28 15.08
N LYS B 270 7.36 -12.67 13.90
CA LYS B 270 8.52 -12.51 13.05
C LYS B 270 9.10 -11.10 13.13
N LYS B 271 10.13 -10.87 12.32
CA LYS B 271 10.80 -9.59 12.22
C LYS B 271 11.02 -9.30 10.75
N ALA B 272 10.88 -8.04 10.37
CA ALA B 272 11.06 -7.66 8.97
C ALA B 272 12.10 -6.54 8.85
N ALA B 273 12.68 -6.42 7.66
CA ALA B 273 13.70 -5.44 7.37
C ALA B 273 13.58 -4.97 5.92
N TRP B 274 13.82 -3.69 5.70
CA TRP B 274 13.96 -3.19 4.34
C TRP B 274 15.11 -3.95 3.67
N GLU B 275 14.96 -4.25 2.39
CA GLU B 275 15.98 -5.01 1.68
C GLU B 275 17.32 -4.29 1.64
N GLY B 276 17.28 -2.96 1.74
CA GLY B 276 18.50 -2.18 1.71
C GLY B 276 19.20 -2.06 3.05
N MET B 277 18.64 -2.67 4.10
CA MET B 277 19.19 -2.49 5.43
C MET B 277 20.55 -3.16 5.58
N GLU B 278 20.63 -4.42 5.16
CA GLU B 278 21.83 -5.21 5.36
C GLU B 278 23.11 -4.46 4.95
N ALA B 279 23.14 -3.93 3.73
CA ALA B 279 24.37 -3.28 3.24
C ALA B 279 24.61 -1.91 3.83
N LYS B 280 23.54 -1.21 4.19
CA LYS B 280 23.68 0.15 4.71
C LYS B 280 24.15 0.15 6.17
N TRP B 281 23.52 -0.68 6.98
CA TRP B 281 23.85 -0.80 8.39
C TRP B 281 24.04 -2.26 8.74
N PRO B 282 25.09 -2.91 8.23
CA PRO B 282 25.30 -4.35 8.44
C PRO B 282 25.27 -4.77 9.92
N ASP B 283 25.59 -3.84 10.81
CA ASP B 283 25.71 -4.16 12.23
C ASP B 283 24.35 -4.16 12.92
N ALA B 284 23.57 -3.12 12.66
CA ALA B 284 22.19 -3.05 13.11
C ALA B 284 21.42 -4.24 12.57
N TYR B 285 21.65 -4.56 11.30
CA TYR B 285 20.98 -5.67 10.65
C TYR B 285 21.33 -7.03 11.27
N ALA B 286 22.62 -7.30 11.41
CA ALA B 286 23.08 -8.53 12.04
C ALA B 286 22.43 -8.67 13.43
N VAL B 287 22.37 -7.55 14.15
CA VAL B 287 21.74 -7.55 15.46
C VAL B 287 20.27 -7.91 15.32
N LEU B 288 19.60 -7.26 14.37
CA LEU B 288 18.19 -7.52 14.09
C LEU B 288 17.94 -9.00 13.86
N THR B 289 18.83 -9.66 13.13
CA THR B 289 18.67 -11.08 12.88
C THR B 289 18.77 -11.89 14.17
N ARG B 290 19.49 -11.37 15.15
CA ARG B 290 19.70 -12.11 16.38
C ARG B 290 18.63 -11.86 17.43
N ILE B 291 18.07 -10.66 17.43
CA ILE B 291 17.02 -10.30 18.39
C ILE B 291 15.90 -11.34 18.42
N SER B 292 15.62 -11.86 19.61
CA SER B 292 14.55 -12.83 19.81
C SER B 292 14.02 -12.72 21.22
N PHE B 293 12.71 -12.50 21.35
CA PHE B 293 12.07 -12.37 22.66
C PHE B 293 11.07 -13.48 22.95
N THR B 294 11.07 -13.93 24.20
CA THR B 294 10.21 -15.04 24.64
C THR B 294 8.85 -14.53 25.07
N ASN B 295 7.87 -15.43 25.17
CA ASN B 295 6.55 -15.01 25.64
C ASN B 295 6.69 -14.25 26.96
N PRO B 296 7.32 -14.87 27.96
CA PRO B 296 7.54 -14.23 29.26
C PRO B 296 8.01 -12.78 29.15
N GLN B 297 9.00 -12.52 28.30
CA GLN B 297 9.59 -11.19 28.17
C GLN B 297 8.64 -10.20 27.52
N ILE B 298 7.99 -10.63 26.45
CA ILE B 298 7.02 -9.80 25.74
C ILE B 298 5.84 -9.44 26.65
N ALA B 299 5.37 -10.45 27.40
CA ALA B 299 4.34 -10.25 28.43
C ALA B 299 4.76 -9.21 29.45
N GLU B 300 5.99 -9.32 29.94
CA GLU B 300 6.52 -8.36 30.89
C GLU B 300 6.62 -6.94 30.31
N MET B 301 7.15 -6.81 29.09
CA MET B 301 7.23 -5.51 28.43
C MET B 301 5.88 -4.82 28.39
N ALA B 302 4.83 -5.60 28.12
CA ALA B 302 3.45 -5.09 28.06
C ALA B 302 3.01 -4.63 29.44
N LYS B 303 3.31 -5.45 30.43
CA LYS B 303 2.98 -5.17 31.81
C LYS B 303 3.59 -3.86 32.29
N LEU B 304 4.80 -3.59 31.82
CA LEU B 304 5.53 -2.40 32.23
C LEU B 304 4.71 -1.15 31.98
N VAL B 305 3.95 -1.18 30.89
CA VAL B 305 3.12 -0.04 30.52
C VAL B 305 1.72 -0.10 31.14
N ASP B 306 1.08 -1.25 31.00
CA ASP B 306 -0.35 -1.34 31.28
C ASP B 306 -0.63 -1.64 32.76
N VAL B 307 0.36 -2.18 33.47
CA VAL B 307 0.22 -2.39 34.90
C VAL B 307 1.09 -1.41 35.68
N ASP B 308 2.38 -1.35 35.35
CA ASP B 308 3.30 -0.49 36.11
C ASP B 308 3.18 0.99 35.71
N GLU B 309 2.48 1.24 34.60
CA GLU B 309 2.15 2.60 34.18
C GLU B 309 3.34 3.46 33.75
N MET B 310 4.34 2.82 33.17
CA MET B 310 5.52 3.55 32.71
C MET B 310 5.38 4.05 31.27
N GLU B 311 6.08 5.13 30.97
CA GLU B 311 6.25 5.59 29.59
C GLU B 311 7.07 4.54 28.86
N PRO B 312 6.66 4.19 27.63
CA PRO B 312 7.40 3.19 26.85
C PRO B 312 8.91 3.48 26.74
N ASP B 313 9.30 4.74 26.72
CA ASP B 313 10.72 5.11 26.65
C ASP B 313 11.42 4.77 27.96
N GLU B 314 10.84 5.22 29.07
N GLU B 314 10.83 5.19 29.07
CA GLU B 314 11.35 4.92 30.40
CA GLU B 314 11.42 4.91 30.38
C GLU B 314 11.43 3.41 30.57
C GLU B 314 11.38 3.41 30.69
N ALA B 315 10.36 2.72 30.16
CA ALA B 315 10.26 1.28 30.29
C ALA B 315 11.42 0.54 29.60
N ALA B 316 11.65 0.86 28.33
CA ALA B 316 12.70 0.22 27.54
C ALA B 316 14.07 0.50 28.15
N GLU B 317 14.31 1.75 28.51
CA GLU B 317 15.57 2.12 29.13
C GLU B 317 15.89 1.24 30.32
N ALA B 318 14.95 1.20 31.27
CA ALA B 318 15.10 0.39 32.46
C ALA B 318 15.28 -1.07 32.09
N TRP B 319 14.44 -1.54 31.18
CA TRP B 319 14.49 -2.95 30.79
C TRP B 319 15.88 -3.32 30.29
N LEU B 320 16.50 -2.41 29.55
CA LEU B 320 17.82 -2.65 28.95
C LEU B 320 18.91 -2.89 29.99
N GLU B 321 18.93 -2.07 31.04
CA GLU B 321 19.91 -2.24 32.09
C GLU B 321 19.71 -3.54 32.87
N ALA B 322 18.46 -3.95 33.01
CA ALA B 322 18.14 -5.12 33.83
C ALA B 322 18.33 -6.44 33.09
N ASN B 323 18.46 -6.38 31.77
CA ASN B 323 18.55 -7.60 30.97
C ASN B 323 19.68 -7.57 29.95
N GLU B 324 20.78 -6.90 30.32
CA GLU B 324 21.96 -6.83 29.46
C GLU B 324 22.50 -8.22 29.11
N ASP B 325 22.31 -9.18 30.01
CA ASP B 325 22.69 -10.56 29.71
C ASP B 325 21.88 -11.15 28.56
N VAL B 326 20.72 -10.57 28.28
CA VAL B 326 19.86 -11.02 27.19
C VAL B 326 20.33 -10.46 25.86
N TRP B 327 20.62 -9.16 25.85
CA TRP B 327 20.85 -8.46 24.60
C TRP B 327 22.31 -8.21 24.20
N ARG B 328 23.17 -7.89 25.17
CA ARG B 328 24.60 -7.68 24.86
C ARG B 328 25.16 -8.75 23.92
N PRO B 329 24.80 -10.02 24.15
CA PRO B 329 25.29 -11.13 23.31
C PRO B 329 24.93 -10.98 21.84
N TRP B 330 23.81 -10.32 21.54
CA TRP B 330 23.41 -10.09 20.15
C TRP B 330 24.35 -9.13 19.42
N LEU B 331 25.13 -8.39 20.19
CA LEU B 331 26.14 -7.52 19.63
C LEU B 331 27.42 -8.32 19.46
N ASP B 332 27.27 -9.64 19.40
CA ASP B 332 28.42 -10.55 19.39
C ASP B 332 29.01 -10.66 20.79
CAA TMO C . 0.64 5.91 -17.55
NAC TMO C . -0.57 6.59 -17.91
CAD TMO C . -0.22 7.61 -18.86
CAB TMO C . -1.39 5.61 -18.56
OAE TMO C . -1.16 7.05 -16.93
CA CA D . 0.25 9.69 4.99
C1 GOL E . 4.50 19.91 -9.76
O1 GOL E . 5.12 21.14 -10.08
C2 GOL E . 5.51 18.78 -9.62
O2 GOL E . 5.21 17.97 -8.49
C3 GOL E . 6.89 19.41 -9.42
O3 GOL E . 6.84 20.24 -8.28
C1 GOL F . -26.79 9.52 2.21
O1 GOL F . -27.60 8.91 1.22
C2 GOL F . -26.38 10.94 1.81
O2 GOL F . -25.64 10.97 0.62
C3 GOL F . -25.45 11.48 2.88
O3 GOL F . -24.97 12.70 2.37
CAA TMO G . -1.61 -6.97 17.04
NAC TMO G . -1.90 -7.39 18.38
CAD TMO G . -0.68 -7.92 18.92
CAB TMO G . -2.27 -6.24 19.17
OAE TMO G . -2.78 -8.25 18.40
CA CA H . -14.36 -20.36 3.71
C TRS I . -32.80 5.59 13.45
C1 TRS I . -32.14 5.99 14.73
C2 TRS I . -33.17 4.16 13.59
C3 TRS I . -34.07 6.36 13.37
N TRS I . -31.92 5.80 12.32
O1 TRS I . -32.89 5.79 15.88
O2 TRS I . -32.12 3.36 14.02
O3 TRS I . -33.93 7.71 13.65
#